data_7XGT
#
_entry.id   7XGT
#
_cell.length_a   88.368
_cell.length_b   83.148
_cell.length_c   87.147
_cell.angle_alpha   90.000
_cell.angle_beta   109.560
_cell.angle_gamma   90.000
#
_symmetry.space_group_name_H-M   'C 1 2 1'
#
loop_
_entity.id
_entity.type
_entity.pdbx_description
1 polymer 'RNase ZS1'
2 non-polymer 1,2-ETHANEDIOL
3 non-polymer 'ZINC ION'
4 water water
#
_entity_poly.entity_id   1
_entity_poly.type   'polypeptide(L)'
_entity_poly.pdbx_seq_one_letter_code
;MANSGKSSPAATSTTAPPPGRPKAKAPPLTVEGYPVEGISIGGQETCVIFPTLSAAFDIGRCPQRAVSQEFLFISHAHLD
HIGGLPMYVATRGLYRQRPPTIFIPACLRDPVERLFELHRSMDQSELSHNLVPLEIGQEHELRRDLKVKAFKTYHAIPSQ
GYVIYTVKQKLKPEYLGLPGSEIKQLKLSGVEITNTLTVPEIAFTGDTMADFILDPDNADVLKAKILVVESTFVDDSVTI
EHAREYGHTHLFEILNQCDKLENKAILLIHFSARYTAEEIDIAINKLPPSFRSRVHALKEGF
;
_entity_poly.pdbx_strand_id   A,B
#
loop_
_chem_comp.id
_chem_comp.type
_chem_comp.name
_chem_comp.formula
EDO non-polymer 1,2-ETHANEDIOL 'C2 H6 O2'
ZN non-polymer 'ZINC ION' 'Zn 2'
#
# COMPACT_ATOMS: atom_id res chain seq x y z
N PRO A 28 -4.61 8.22 22.07
CA PRO A 28 -3.82 8.47 20.86
C PRO A 28 -2.45 9.07 21.21
N LEU A 29 -1.63 9.34 20.20
CA LEU A 29 -0.32 9.93 20.42
C LEU A 29 -0.42 11.43 20.21
N THR A 30 0.01 12.18 21.22
CA THR A 30 0.09 13.63 21.12
C THR A 30 1.46 14.07 21.59
N VAL A 31 2.14 14.91 20.82
CA VAL A 31 3.50 15.34 21.11
C VAL A 31 3.52 16.85 21.12
N GLU A 32 3.85 17.45 22.28
CA GLU A 32 3.89 18.90 22.44
C GLU A 32 2.65 19.57 21.85
N GLY A 33 1.48 19.00 22.16
CA GLY A 33 0.22 19.53 21.68
C GLY A 33 -0.20 19.10 20.30
N TYR A 34 0.68 18.44 19.54
CA TYR A 34 0.36 18.00 18.17
C TYR A 34 -0.13 16.57 18.17
N PRO A 35 -1.33 16.30 17.67
CA PRO A 35 -1.70 14.92 17.35
C PRO A 35 -0.77 14.40 16.28
N VAL A 36 -0.30 13.15 16.46
CA VAL A 36 0.55 12.48 15.49
C VAL A 36 -0.08 11.14 15.15
N GLU A 37 -0.20 10.88 13.86
CA GLU A 37 -0.84 9.68 13.34
C GLU A 37 0.07 9.02 12.30
N GLY A 38 -0.42 7.92 11.73
CA GLY A 38 0.34 7.20 10.73
C GLY A 38 1.14 6.04 11.29
N ILE A 39 2.24 5.67 10.62
CA ILE A 39 2.95 4.43 10.92
C ILE A 39 4.35 4.54 10.39
N SER A 40 5.32 3.90 11.08
CA SER A 40 6.65 3.83 10.49
C SER A 40 7.31 2.54 10.95
N ILE A 41 7.37 1.56 10.06
CA ILE A 41 7.96 0.27 10.35
C ILE A 41 9.14 0.09 9.40
N GLY A 42 10.33 -0.10 9.94
CA GLY A 42 11.52 -0.11 9.13
C GLY A 42 11.43 -1.13 8.03
N GLY A 43 11.72 -0.70 6.81
CA GLY A 43 11.64 -1.55 5.66
C GLY A 43 10.25 -1.87 5.14
N GLN A 44 9.18 -1.54 5.87
CA GLN A 44 7.84 -1.88 5.42
C GLN A 44 7.06 -0.67 4.93
N GLU A 45 6.87 0.33 5.79
CA GLU A 45 6.09 1.51 5.42
C GLU A 45 6.43 2.65 6.37
N THR A 46 6.61 3.87 5.83
CA THR A 46 6.69 5.08 6.66
C THR A 46 5.76 6.18 6.13
N CYS A 47 4.88 6.64 6.99
CA CYS A 47 4.00 7.78 6.70
C CYS A 47 3.66 8.38 8.07
N VAL A 48 4.23 9.53 8.39
CA VAL A 48 3.98 10.15 9.69
C VAL A 48 3.12 11.39 9.47
N ILE A 49 1.97 11.43 10.13
CA ILE A 49 0.90 12.39 9.79
C ILE A 49 0.72 13.38 10.93
N PHE A 50 0.81 14.67 10.61
CA PHE A 50 0.46 15.74 11.53
C PHE A 50 -0.82 16.41 11.03
N PRO A 51 -1.99 15.91 11.41
CA PRO A 51 -3.23 16.40 10.78
C PRO A 51 -3.54 17.86 11.06
N THR A 52 -3.06 18.40 12.18
CA THR A 52 -3.39 19.79 12.44
C THR A 52 -2.56 20.73 11.58
N LEU A 53 -1.58 20.17 10.89
CA LEU A 53 -0.81 20.91 9.93
C LEU A 53 -1.14 20.49 8.49
N SER A 54 -2.09 19.57 8.30
CA SER A 54 -2.47 19.02 6.98
C SER A 54 -1.21 18.50 6.30
N ALA A 55 -0.41 17.73 7.04
CA ALA A 55 0.90 17.33 6.60
C ALA A 55 1.14 15.84 6.77
N ALA A 56 1.71 15.22 5.73
CA ALA A 56 2.20 13.85 5.76
C ALA A 56 3.68 13.85 5.42
N PHE A 57 4.48 13.22 6.28
CA PHE A 57 5.93 13.11 6.11
C PHE A 57 6.14 11.70 5.61
N ASP A 58 6.34 11.61 4.29
CA ASP A 58 6.46 10.39 3.49
C ASP A 58 5.04 9.80 3.26
N ILE A 59 4.86 8.82 2.37
CA ILE A 59 3.52 8.35 2.08
C ILE A 59 3.28 6.87 2.30
N GLY A 60 4.33 6.14 2.66
CA GLY A 60 4.16 4.73 2.99
C GLY A 60 3.36 4.00 1.90
N ARG A 61 2.39 3.19 2.31
CA ARG A 61 1.52 2.52 1.36
C ARG A 61 0.18 3.27 1.19
N CYS A 62 0.20 4.56 1.43
CA CYS A 62 -0.99 5.39 1.41
C CYS A 62 -2.07 5.02 2.43
N PRO A 63 -1.74 5.11 3.72
CA PRO A 63 -2.81 4.95 4.71
C PRO A 63 -3.93 5.94 4.43
N GLN A 64 -5.15 5.50 4.67
CA GLN A 64 -6.30 6.32 4.32
C GLN A 64 -6.29 7.66 5.03
N ARG A 65 -5.72 7.70 6.22
CA ARG A 65 -5.62 8.92 7.01
C ARG A 65 -4.78 10.01 6.33
N ALA A 66 -3.78 9.61 5.57
CA ALA A 66 -2.94 10.53 4.86
C ALA A 66 -3.67 11.34 3.79
N VAL A 67 -4.72 10.78 3.22
CA VAL A 67 -5.36 11.39 2.05
C VAL A 67 -5.82 12.80 2.34
N SER A 68 -6.34 13.07 3.55
CA SER A 68 -6.81 14.39 3.86
C SER A 68 -5.71 15.40 4.12
N GLN A 69 -4.42 15.05 4.03
CA GLN A 69 -3.37 16.03 4.20
C GLN A 69 -3.05 16.63 2.85
N GLU A 70 -3.05 17.95 2.77
CA GLU A 70 -2.80 18.63 1.50
C GLU A 70 -1.33 18.79 1.17
N PHE A 71 -0.43 18.56 2.16
CA PHE A 71 1.01 18.69 2.00
C PHE A 71 1.64 17.32 2.26
N LEU A 72 2.46 16.88 1.30
CA LEU A 72 3.22 15.64 1.43
C LEU A 72 4.70 15.95 1.23
N PHE A 73 5.53 15.51 2.19
CA PHE A 73 6.96 15.81 2.19
C PHE A 73 7.69 14.49 2.00
N ILE A 74 8.36 14.29 0.88
CA ILE A 74 9.02 13.03 0.55
C ILE A 74 10.51 13.18 0.86
N SER A 75 11.03 12.29 1.71
CA SER A 75 12.44 12.38 2.06
C SER A 75 13.33 11.68 1.05
N HIS A 76 12.87 10.58 0.48
CA HIS A 76 13.67 9.86 -0.50
C HIS A 76 12.78 8.84 -1.20
N ALA A 77 13.36 8.20 -2.22
CA ALA A 77 12.65 7.35 -3.16
C ALA A 77 12.55 5.88 -2.83
N HIS A 78 13.02 5.43 -1.67
CA HIS A 78 12.77 4.04 -1.32
C HIS A 78 11.27 3.79 -1.27
N LEU A 79 10.85 2.62 -1.76
CA LEU A 79 9.44 2.37 -1.94
C LEU A 79 8.65 2.30 -0.64
N ASP A 80 9.28 2.00 0.50
CA ASP A 80 8.47 2.06 1.73
C ASP A 80 8.15 3.49 2.11
N HIS A 81 8.75 4.45 1.45
CA HIS A 81 8.49 5.86 1.71
C HIS A 81 7.69 6.52 0.60
N ILE A 82 7.85 6.09 -0.65
CA ILE A 82 7.23 6.79 -1.78
C ILE A 82 6.18 5.95 -2.52
N GLY A 83 6.03 4.67 -2.21
CA GLY A 83 5.26 3.79 -3.07
C GLY A 83 3.80 4.23 -3.16
N GLY A 84 3.24 4.73 -2.05
CA GLY A 84 1.85 5.17 -1.95
C GLY A 84 1.52 6.41 -2.71
N LEU A 85 2.52 7.04 -3.34
CA LEU A 85 2.29 8.36 -3.89
C LEU A 85 1.15 8.47 -4.90
N PRO A 86 1.07 7.61 -5.91
CA PRO A 86 -0.02 7.79 -6.88
C PRO A 86 -1.40 7.56 -6.29
N MET A 87 -1.51 6.60 -5.35
CA MET A 87 -2.80 6.35 -4.71
C MET A 87 -3.24 7.54 -3.87
N TYR A 88 -2.29 8.22 -3.25
CA TYR A 88 -2.59 9.40 -2.45
C TYR A 88 -3.15 10.52 -3.32
N VAL A 89 -2.52 10.77 -4.45
CA VAL A 89 -3.01 11.78 -5.37
C VAL A 89 -4.34 11.37 -5.98
N ALA A 90 -4.48 10.10 -6.39
CA ALA A 90 -5.71 9.66 -7.02
C ALA A 90 -6.90 9.80 -6.10
N THR A 91 -6.70 9.47 -4.82
CA THR A 91 -7.80 9.50 -3.88
C THR A 91 -8.20 10.93 -3.54
N ARG A 92 -7.24 11.83 -3.48
CA ARG A 92 -7.59 13.22 -3.23
C ARG A 92 -8.49 13.69 -4.40
N GLY A 93 -8.15 13.27 -5.62
CA GLY A 93 -8.97 13.64 -6.77
C GLY A 93 -10.38 13.08 -6.67
N LEU A 94 -10.50 11.82 -6.26
CA LEU A 94 -11.83 11.20 -6.15
C LEU A 94 -12.68 11.94 -5.15
N TYR A 95 -12.09 12.40 -4.06
CA TYR A 95 -12.80 13.15 -3.04
C TYR A 95 -12.93 14.62 -3.39
N ARG A 96 -12.44 15.04 -4.53
CA ARG A 96 -12.54 16.43 -4.92
C ARG A 96 -11.87 17.38 -3.92
N GLN A 97 -10.79 16.91 -3.30
CA GLN A 97 -9.93 17.74 -2.47
C GLN A 97 -8.91 18.40 -3.40
N ARG A 98 -8.34 19.53 -2.99
CA ARG A 98 -7.43 20.24 -3.86
C ARG A 98 -6.21 19.40 -4.18
N PRO A 99 -5.70 19.54 -5.40
CA PRO A 99 -4.50 18.79 -5.76
C PRO A 99 -3.44 19.03 -4.69
N PRO A 100 -2.78 17.97 -4.19
CA PRO A 100 -1.83 18.15 -3.08
C PRO A 100 -0.54 18.76 -3.61
N THR A 101 0.16 19.40 -2.71
CA THR A 101 1.50 19.93 -2.96
C THR A 101 2.48 18.94 -2.36
N ILE A 102 3.38 18.46 -3.21
CA ILE A 102 4.26 17.34 -2.88
C ILE A 102 5.68 17.87 -2.99
N PHE A 103 6.42 17.80 -1.89
CA PHE A 103 7.81 18.24 -1.87
C PHE A 103 8.73 17.03 -2.01
N ILE A 104 9.76 17.16 -2.85
CA ILE A 104 10.71 16.08 -3.15
C ILE A 104 12.11 16.64 -3.17
N PRO A 105 13.12 15.80 -2.94
CA PRO A 105 14.48 16.14 -3.36
C PRO A 105 14.47 16.55 -4.82
N ALA A 106 15.19 17.64 -5.13
CA ALA A 106 15.13 18.20 -6.47
C ALA A 106 15.50 17.17 -7.55
N CYS A 107 16.43 16.29 -7.24
CA CYS A 107 16.91 15.30 -8.21
C CYS A 107 15.87 14.28 -8.63
N LEU A 108 14.81 14.13 -7.86
CA LEU A 108 13.76 13.19 -8.19
C LEU A 108 12.74 13.76 -9.14
N ARG A 109 12.87 15.01 -9.54
CA ARG A 109 11.80 15.63 -10.30
C ARG A 109 11.49 14.96 -11.62
N ASP A 110 12.50 14.65 -12.40
CA ASP A 110 12.26 13.97 -13.67
C ASP A 110 11.58 12.62 -13.50
N PRO A 111 12.11 11.68 -12.70
CA PRO A 111 11.45 10.37 -12.60
C PRO A 111 10.07 10.43 -11.95
N VAL A 112 9.89 11.29 -10.96
CA VAL A 112 8.55 11.39 -10.36
C VAL A 112 7.55 11.97 -11.35
N GLU A 113 7.95 12.98 -12.12
CA GLU A 113 7.06 13.50 -13.16
C GLU A 113 6.65 12.39 -14.11
N ARG A 114 7.62 11.58 -14.52
CA ARG A 114 7.37 10.47 -15.43
C ARG A 114 6.43 9.42 -14.85
N LEU A 115 6.64 9.10 -13.58
CA LEU A 115 5.77 8.15 -12.88
C LEU A 115 4.32 8.60 -12.92
N PHE A 116 4.05 9.87 -12.59
CA PHE A 116 2.69 10.36 -12.72
C PHE A 116 2.17 10.23 -14.16
N GLU A 117 2.98 10.59 -15.13
CA GLU A 117 2.52 10.49 -16.52
C GLU A 117 2.17 9.06 -16.86
N LEU A 118 2.95 8.11 -16.35
CA LEU A 118 2.72 6.69 -16.63
C LEU A 118 1.46 6.20 -15.96
N HIS A 119 1.26 6.51 -14.67
CA HIS A 119 0.02 6.10 -14.02
C HIS A 119 -1.19 6.80 -14.62
N ARG A 120 -1.01 8.02 -15.12
CA ARG A 120 -2.14 8.72 -15.71
C ARG A 120 -2.61 7.94 -16.90
N SER A 121 -1.67 7.46 -17.70
CA SER A 121 -2.03 6.69 -18.86
C SER A 121 -2.67 5.36 -18.49
N MET A 122 -2.15 4.67 -17.49
CA MET A 122 -2.73 3.40 -17.09
C MET A 122 -4.11 3.48 -16.49
N ASP A 123 -4.32 4.40 -15.56
CA ASP A 123 -5.61 4.49 -14.91
C ASP A 123 -6.55 5.47 -15.55
N GLN A 124 -6.11 6.16 -16.60
CA GLN A 124 -6.91 7.12 -17.32
C GLN A 124 -7.53 8.16 -16.39
N SER A 125 -6.69 8.67 -15.50
CA SER A 125 -7.12 9.66 -14.52
C SER A 125 -6.14 10.83 -14.56
N GLU A 126 -6.56 11.95 -13.93
CA GLU A 126 -5.81 13.20 -14.01
C GLU A 126 -4.62 13.23 -13.05
N LEU A 127 -4.78 12.64 -11.87
CA LEU A 127 -3.74 12.62 -10.84
C LEU A 127 -3.18 14.02 -10.65
N SER A 128 -4.08 14.98 -10.45
CA SER A 128 -3.68 16.36 -10.33
C SER A 128 -2.86 16.58 -9.07
N HIS A 129 -1.76 17.31 -9.19
CA HIS A 129 -0.87 17.57 -8.05
C HIS A 129 -0.01 18.79 -8.40
N ASN A 130 0.66 19.33 -7.39
CA ASN A 130 1.66 20.38 -7.59
C ASN A 130 2.99 19.79 -7.07
N LEU A 131 3.92 19.49 -7.96
CA LEU A 131 5.20 18.90 -7.55
C LEU A 131 6.18 20.04 -7.29
N VAL A 132 6.79 20.02 -6.11
CA VAL A 132 7.71 21.08 -5.70
C VAL A 132 9.08 20.47 -5.41
N PRO A 133 9.99 20.48 -6.37
CA PRO A 133 11.38 20.09 -6.08
C PRO A 133 11.99 21.16 -5.18
N LEU A 134 12.57 20.73 -4.07
CA LEU A 134 13.14 21.64 -3.09
C LEU A 134 14.59 21.25 -2.91
N GLU A 135 15.50 22.18 -3.20
CA GLU A 135 16.92 21.96 -2.98
C GLU A 135 17.22 22.14 -1.49
N ILE A 136 18.33 21.60 -1.04
CA ILE A 136 18.66 21.76 0.35
C ILE A 136 18.84 23.25 0.58
N GLY A 137 18.23 23.71 1.66
CA GLY A 137 18.24 25.09 2.03
C GLY A 137 17.12 25.92 1.47
N GLN A 138 16.46 25.43 0.45
CA GLN A 138 15.37 26.20 -0.19
C GLN A 138 14.15 26.21 0.73
N GLU A 139 13.42 27.34 0.71
CA GLU A 139 12.19 27.52 1.50
C GLU A 139 10.95 27.69 0.63
N HIS A 140 9.79 27.37 1.21
CA HIS A 140 8.50 27.43 0.51
C HIS A 140 7.40 27.81 1.50
N GLU A 141 6.65 28.88 1.14
CA GLU A 141 5.57 29.37 1.98
C GLU A 141 4.37 28.43 1.88
N LEU A 142 3.97 27.86 3.00
CA LEU A 142 2.85 26.96 3.11
C LEU A 142 1.56 27.69 3.46
N ARG A 143 1.68 28.68 4.35
CA ARG A 143 0.56 29.50 4.83
C ARG A 143 1.10 30.88 5.20
N ARG A 144 0.25 31.81 5.56
CA ARG A 144 0.76 33.13 5.86
C ARG A 144 1.76 33.01 7.00
N ASP A 145 1.57 32.03 7.84
CA ASP A 145 2.33 31.93 9.08
C ASP A 145 3.10 30.61 9.17
N LEU A 146 3.45 30.03 8.02
CA LEU A 146 4.06 28.71 8.01
C LEU A 146 4.91 28.50 6.76
N LYS A 147 6.08 27.91 6.93
CA LYS A 147 6.95 27.65 5.80
C LYS A 147 7.77 26.37 6.04
N VAL A 148 8.32 25.81 4.97
CA VAL A 148 9.15 24.63 5.08
C VAL A 148 10.50 24.90 4.44
N LYS A 149 11.51 24.23 4.96
CA LYS A 149 12.87 24.31 4.45
C LYS A 149 13.46 22.89 4.41
N ALA A 150 14.11 22.51 3.31
CA ALA A 150 14.74 21.20 3.24
C ALA A 150 16.10 21.23 3.92
N PHE A 151 16.51 20.08 4.46
CA PHE A 151 17.84 19.98 5.05
C PHE A 151 18.48 18.66 4.68
N LYS A 152 19.81 18.67 4.74
CA LYS A 152 20.57 17.52 4.34
C LYS A 152 20.56 16.37 5.32
N THR A 153 20.22 15.20 4.79
CA THR A 153 20.31 13.94 5.52
C THR A 153 21.30 13.02 4.79
N TYR A 154 21.69 11.93 5.45
CA TYR A 154 22.88 11.15 5.05
C TYR A 154 22.44 9.71 4.93
N HIS A 155 22.06 9.29 3.73
CA HIS A 155 21.44 7.99 3.53
C HIS A 155 22.08 7.30 2.32
N ALA A 156 21.61 6.10 2.03
CA ALA A 156 22.20 5.29 0.98
C ALA A 156 21.88 5.81 -0.42
N ILE A 157 20.79 6.54 -0.58
CA ILE A 157 20.44 7.21 -1.83
C ILE A 157 20.14 8.68 -1.51
N PRO A 158 20.06 9.56 -2.50
CA PRO A 158 19.78 10.98 -2.20
C PRO A 158 18.57 11.14 -1.30
N SER A 159 18.67 12.08 -0.39
CA SER A 159 17.64 12.19 0.63
C SER A 159 17.72 13.59 1.22
N GLN A 160 16.61 14.00 1.81
CA GLN A 160 16.60 15.25 2.58
C GLN A 160 15.51 15.14 3.61
N GLY A 161 15.67 15.92 4.69
CA GLY A 161 14.64 16.11 5.66
C GLY A 161 13.95 17.45 5.44
N TYR A 162 13.01 17.76 6.32
CA TYR A 162 12.26 19.01 6.23
C TYR A 162 12.06 19.62 7.59
N VAL A 163 12.15 20.93 7.67
CA VAL A 163 11.84 21.63 8.89
C VAL A 163 10.65 22.57 8.60
N ILE A 164 9.60 22.50 9.40
CA ILE A 164 8.46 23.38 9.25
C ILE A 164 8.64 24.45 10.30
N TYR A 165 8.58 25.71 9.88
CA TYR A 165 8.71 26.84 10.76
C TYR A 165 7.36 27.54 10.88
N THR A 166 7.08 28.07 12.08
CA THR A 166 6.04 29.07 12.21
C THR A 166 6.68 30.44 12.01
N VAL A 167 5.87 31.35 11.48
CA VAL A 167 6.28 32.71 11.17
C VAL A 167 5.16 33.61 11.65
N LYS A 168 5.38 34.27 12.77
CA LYS A 168 4.35 35.07 13.37
C LYS A 168 4.74 36.50 13.64
N GLN A 169 3.78 37.41 13.52
CA GLN A 169 4.00 38.81 13.82
C GLN A 169 3.46 39.07 15.22
N LYS A 170 4.30 39.58 16.09
CA LYS A 170 3.86 39.89 17.44
C LYS A 170 4.27 41.29 17.84
N LEU A 171 3.39 41.98 18.56
CA LEU A 171 3.74 43.30 19.05
C LEU A 171 5.13 43.28 19.69
N LYS A 172 5.93 44.29 19.42
CA LYS A 172 7.17 44.45 20.18
C LYS A 172 6.81 44.69 21.65
N PRO A 173 7.66 44.25 22.57
CA PRO A 173 7.29 44.34 23.99
C PRO A 173 6.97 45.74 24.47
N GLU A 174 7.63 46.71 23.90
CA GLU A 174 7.49 48.11 24.29
C GLU A 174 6.07 48.64 24.18
N TYR A 175 5.32 48.20 23.18
CA TYR A 175 3.97 48.68 23.00
C TYR A 175 2.88 47.90 23.74
N LEU A 176 3.23 46.92 24.56
CA LEU A 176 2.20 46.19 25.29
C LEU A 176 1.67 47.05 26.43
N LYS A 184 -1.62 53.80 17.88
CA LYS A 184 -1.86 53.99 16.46
C LYS A 184 -0.86 54.93 15.80
N GLN A 185 -0.58 56.05 16.47
CA GLN A 185 0.26 57.08 15.84
C GLN A 185 1.61 56.52 15.39
N LEU A 186 2.10 55.48 16.06
CA LEU A 186 3.33 54.86 15.58
C LEU A 186 3.07 54.02 14.33
N LYS A 187 1.90 53.37 14.25
CA LYS A 187 1.55 52.66 13.02
C LYS A 187 1.42 53.64 11.87
N LEU A 188 0.71 54.76 12.11
CA LEU A 188 0.55 55.81 11.10
C LEU A 188 1.91 56.35 10.66
N SER A 189 2.78 56.67 11.63
CA SER A 189 4.12 57.14 11.33
C SER A 189 4.92 56.15 10.48
N GLY A 190 4.50 54.89 10.43
CA GLY A 190 5.24 53.89 9.68
C GLY A 190 6.41 53.28 10.41
N VAL A 191 6.42 53.32 11.74
CA VAL A 191 7.39 52.58 12.52
C VAL A 191 6.97 51.11 12.56
N GLU A 192 7.92 50.21 12.45
CA GLU A 192 7.62 48.80 12.68
C GLU A 192 7.33 48.62 14.16
N ILE A 193 6.08 48.30 14.49
CA ILE A 193 5.71 48.00 15.86
C ILE A 193 5.73 46.51 16.18
N THR A 194 5.78 45.65 15.16
CA THR A 194 5.84 44.21 15.39
C THR A 194 7.19 43.65 15.01
N ASN A 195 7.39 42.44 15.47
CA ASN A 195 8.56 41.65 15.19
C ASN A 195 8.04 40.41 14.47
N THR A 196 8.79 39.92 13.49
CA THR A 196 8.45 38.68 12.83
C THR A 196 9.28 37.58 13.45
N LEU A 197 8.61 36.65 14.12
CA LEU A 197 9.28 35.58 14.87
C LEU A 197 9.22 34.30 14.04
N THR A 198 10.37 33.76 13.67
CA THR A 198 10.46 32.52 12.92
C THR A 198 10.99 31.44 13.86
N VAL A 199 10.19 30.40 14.07
CA VAL A 199 10.49 29.34 15.04
C VAL A 199 10.47 27.99 14.35
N PRO A 200 11.54 27.17 14.44
CA PRO A 200 11.45 25.79 13.91
C PRO A 200 10.52 24.93 14.75
N GLU A 201 9.53 24.33 14.11
CA GLU A 201 8.43 23.69 14.82
C GLU A 201 8.49 22.17 14.74
N ILE A 202 8.60 21.64 13.52
CA ILE A 202 8.68 20.21 13.27
C ILE A 202 9.86 20.00 12.35
N ALA A 203 10.76 19.11 12.73
CA ALA A 203 11.82 18.64 11.83
C ALA A 203 11.63 17.14 11.63
N PHE A 204 11.61 16.72 10.37
CA PHE A 204 11.43 15.31 10.02
C PHE A 204 12.66 14.86 9.22
N THR A 205 13.38 13.86 9.72
CA THR A 205 14.55 13.42 8.99
C THR A 205 14.36 12.39 7.90
N GLY A 206 13.29 11.64 7.91
CA GLY A 206 13.25 10.43 7.08
C GLY A 206 14.40 9.51 7.47
N ASP A 207 14.80 8.64 6.52
CA ASP A 207 15.91 7.72 6.76
C ASP A 207 17.22 8.47 6.67
N THR A 208 18.14 8.20 7.60
CA THR A 208 19.38 8.96 7.67
C THR A 208 20.31 8.29 8.69
N MET A 209 21.60 8.51 8.52
CA MET A 209 22.60 8.25 9.55
C MET A 209 22.60 9.45 10.49
N ALA A 210 23.18 9.25 11.67
CA ALA A 210 23.21 10.28 12.70
C ALA A 210 24.06 11.45 12.28
N ASP A 211 24.79 11.35 11.17
CA ASP A 211 25.63 12.45 10.74
C ASP A 211 24.82 13.72 10.47
N PHE A 212 23.52 13.64 10.38
CA PHE A 212 22.75 14.86 10.14
C PHE A 212 22.97 15.85 11.29
N ILE A 213 23.25 15.32 12.47
CA ILE A 213 23.48 16.15 13.65
C ILE A 213 24.75 16.98 13.52
N LEU A 214 25.78 16.42 12.83
CA LEU A 214 27.05 17.07 12.72
C LEU A 214 27.09 18.21 11.71
N ASP A 215 26.13 18.28 10.79
CA ASP A 215 26.17 19.25 9.69
C ASP A 215 25.82 20.63 10.25
N PRO A 216 26.72 21.62 10.17
CA PRO A 216 26.41 22.92 10.80
C PRO A 216 25.20 23.61 10.19
N ASP A 217 24.81 23.24 8.97
CA ASP A 217 23.63 23.81 8.33
C ASP A 217 22.34 23.36 8.99
N ASN A 218 22.44 22.32 9.80
CA ASN A 218 21.28 21.72 10.41
C ASN A 218 21.00 22.18 11.83
N ALA A 219 21.57 23.31 12.22
CA ALA A 219 21.35 23.83 13.56
C ALA A 219 19.88 23.91 13.93
N ASP A 220 19.02 24.34 13.00
CA ASP A 220 17.62 24.49 13.37
C ASP A 220 16.93 23.14 13.57
N VAL A 221 17.41 22.10 12.86
CA VAL A 221 16.92 20.76 13.12
C VAL A 221 17.02 20.45 14.60
N LEU A 222 18.14 20.82 15.23
CA LEU A 222 18.37 20.47 16.61
C LEU A 222 17.64 21.38 17.59
N LYS A 223 17.00 22.42 17.08
CA LYS A 223 16.22 23.35 17.90
C LYS A 223 14.70 23.22 17.73
N ALA A 224 14.25 22.50 16.71
CA ALA A 224 12.83 22.35 16.46
C ALA A 224 12.08 21.83 17.68
N LYS A 225 10.85 22.28 17.84
CA LYS A 225 10.04 21.89 18.97
C LYS A 225 9.92 20.37 18.98
N ILE A 226 9.67 19.77 17.82
CA ILE A 226 9.64 18.31 17.69
C ILE A 226 10.65 17.88 16.63
N LEU A 227 11.51 16.94 17.00
CA LEU A 227 12.37 16.26 16.05
C LEU A 227 11.80 14.87 15.84
N VAL A 228 11.44 14.56 14.61
CA VAL A 228 10.96 13.23 14.26
C VAL A 228 12.17 12.59 13.57
N VAL A 229 12.78 11.61 14.22
CA VAL A 229 13.99 11.01 13.71
C VAL A 229 13.95 9.49 13.78
N GLU A 230 14.49 8.82 12.79
CA GLU A 230 14.51 7.38 12.81
C GLU A 230 15.51 6.85 13.83
N SER A 231 15.16 5.73 14.44
CA SER A 231 16.09 5.02 15.28
C SER A 231 15.75 3.61 14.87
N THR A 232 16.33 3.15 13.76
CA THR A 232 15.98 1.86 13.24
C THR A 232 16.36 0.76 14.21
N PHE A 233 17.46 0.92 14.96
CA PHE A 233 17.85 -0.06 15.98
C PHE A 233 17.95 0.65 17.30
N VAL A 234 17.54 -0.04 18.37
CA VAL A 234 17.37 0.61 19.67
C VAL A 234 18.08 -0.12 20.80
N ASP A 235 18.75 -1.23 20.54
CA ASP A 235 19.43 -1.93 21.63
C ASP A 235 20.69 -2.61 21.11
N ASP A 236 21.41 -3.28 22.03
CA ASP A 236 22.76 -3.76 21.70
C ASP A 236 22.77 -5.07 20.95
N SER A 237 21.61 -5.62 20.61
CA SER A 237 21.56 -6.79 19.74
C SER A 237 22.12 -6.51 18.35
N VAL A 238 22.27 -5.23 17.99
CA VAL A 238 22.81 -4.80 16.71
C VAL A 238 23.77 -3.65 16.99
N THR A 239 24.92 -3.63 16.31
CA THR A 239 25.86 -2.56 16.59
C THR A 239 25.46 -1.26 15.87
N ILE A 240 25.97 -0.16 16.41
CA ILE A 240 25.89 1.13 15.70
C ILE A 240 26.40 0.97 14.27
N GLU A 241 27.53 0.30 14.12
CA GLU A 241 28.13 0.14 12.80
C GLU A 241 27.17 -0.59 11.86
N HIS A 242 26.45 -1.58 12.36
CA HIS A 242 25.48 -2.29 11.52
C HIS A 242 24.37 -1.34 11.06
N ALA A 243 23.88 -0.47 11.97
CA ALA A 243 22.86 0.50 11.56
C ALA A 243 23.35 1.39 10.44
N ARG A 244 24.57 1.87 10.58
CA ARG A 244 25.19 2.73 9.60
C ARG A 244 25.43 2.08 8.25
N GLU A 245 25.74 0.79 8.23
CA GLU A 245 26.02 0.11 6.96
C GLU A 245 24.88 0.33 5.96
N TYR A 246 23.63 0.40 6.46
CA TYR A 246 22.45 0.55 5.65
C TYR A 246 21.90 1.95 5.67
N GLY A 247 22.68 2.90 6.17
CA GLY A 247 22.28 4.30 6.08
C GLY A 247 21.25 4.72 7.10
N HIS A 248 21.24 4.07 8.26
CA HIS A 248 20.29 4.25 9.34
C HIS A 248 20.98 4.72 10.60
N THR A 249 20.15 5.11 11.57
CA THR A 249 20.59 5.65 12.86
C THR A 249 20.31 4.66 13.98
N HIS A 250 21.29 4.46 14.89
CA HIS A 250 21.07 3.64 16.06
C HIS A 250 20.68 4.59 17.20
N LEU A 251 19.70 4.17 18.02
CA LEU A 251 19.32 4.99 19.19
C LEU A 251 20.54 5.40 20.00
N PHE A 252 21.55 4.51 20.08
CA PHE A 252 22.71 4.81 20.90
C PHE A 252 23.42 6.05 20.40
N GLU A 253 23.42 6.27 19.10
CA GLU A 253 24.06 7.46 18.54
C GLU A 253 23.36 8.73 18.97
N ILE A 254 22.03 8.67 19.09
CA ILE A 254 21.24 9.81 19.57
C ILE A 254 21.51 10.03 21.03
N LEU A 255 21.42 8.97 21.83
CA LEU A 255 21.82 9.02 23.24
C LEU A 255 23.21 9.64 23.44
N ASN A 256 24.18 9.17 22.66
CA ASN A 256 25.55 9.60 22.82
C ASN A 256 25.80 11.05 22.44
N GLN A 257 24.80 11.64 21.83
CA GLN A 257 24.87 13.03 21.39
C GLN A 257 23.70 13.81 21.94
N CYS A 258 23.01 13.31 22.95
CA CYS A 258 21.75 13.92 23.35
C CYS A 258 21.80 15.37 23.79
N ASP A 259 22.91 15.80 24.34
CA ASP A 259 23.02 17.19 24.74
C ASP A 259 23.08 18.16 23.54
N LYS A 260 23.34 17.65 22.35
CA LYS A 260 23.33 18.49 21.17
C LYS A 260 21.89 18.79 20.72
N LEU A 261 20.96 17.99 21.17
CA LEU A 261 19.55 18.11 20.76
C LEU A 261 18.84 19.02 21.74
N GLU A 262 18.38 20.20 21.28
CA GLU A 262 17.65 21.13 22.12
C GLU A 262 16.16 21.04 21.89
N ASN A 263 15.72 20.00 21.21
CA ASN A 263 14.31 19.83 20.91
C ASN A 263 13.49 19.59 22.15
N LYS A 264 12.29 20.13 22.18
CA LYS A 264 11.39 19.89 23.29
C LYS A 264 10.98 18.43 23.33
N ALA A 265 10.78 17.83 22.15
CA ALA A 265 10.35 16.46 22.02
C ALA A 265 11.15 15.79 20.90
N ILE A 266 11.51 14.54 21.14
CA ILE A 266 12.14 13.68 20.15
C ILE A 266 11.18 12.53 19.92
N LEU A 267 10.64 12.44 18.70
CA LEU A 267 9.73 11.36 18.33
C LEU A 267 10.53 10.35 17.51
N LEU A 268 10.76 9.19 18.10
CA LEU A 268 11.45 8.12 17.42
C LEU A 268 10.52 7.36 16.51
N ILE A 269 11.01 7.06 15.32
CA ILE A 269 10.26 6.31 14.33
C ILE A 269 11.16 5.27 13.67
N HIS A 270 10.51 4.45 12.81
CA HIS A 270 11.17 3.58 11.82
C HIS A 270 11.92 2.45 12.51
N PHE A 271 11.42 1.98 13.64
CA PHE A 271 12.04 0.82 14.28
C PHE A 271 12.02 -0.39 13.37
N SER A 272 13.11 -1.18 13.43
CA SER A 272 13.15 -2.41 12.67
C SER A 272 11.95 -3.29 12.98
N ALA A 273 11.45 -4.00 11.96
CA ALA A 273 10.30 -4.84 12.20
C ALA A 273 10.59 -6.03 13.11
N ARG A 274 11.84 -6.24 13.47
CA ARG A 274 12.18 -7.31 14.39
C ARG A 274 11.71 -7.05 15.82
N TYR A 275 11.43 -5.80 16.15
CA TYR A 275 11.10 -5.39 17.49
C TYR A 275 9.60 -5.51 17.78
N THR A 276 9.28 -5.73 19.05
CA THR A 276 7.94 -5.58 19.61
C THR A 276 7.84 -4.21 20.27
N ALA A 277 6.62 -3.76 20.50
CA ALA A 277 6.41 -2.52 21.25
C ALA A 277 7.07 -2.59 22.62
N GLU A 278 6.98 -3.74 23.30
CA GLU A 278 7.56 -3.83 24.63
C GLU A 278 9.07 -3.61 24.59
N GLU A 279 9.75 -4.19 23.59
CA GLU A 279 11.20 -4.00 23.43
C GLU A 279 11.54 -2.55 23.18
N ILE A 280 10.69 -1.85 22.44
CA ILE A 280 10.92 -0.42 22.21
C ILE A 280 10.78 0.35 23.51
N ASP A 281 9.71 0.06 24.26
CA ASP A 281 9.49 0.76 25.52
C ASP A 281 10.63 0.48 26.51
N ILE A 282 11.14 -0.75 26.49
CA ILE A 282 12.26 -1.11 27.37
C ILE A 282 13.50 -0.28 27.05
N ALA A 283 13.82 -0.17 25.76
CA ALA A 283 15.00 0.58 25.35
C ALA A 283 14.88 2.04 25.76
N ILE A 284 13.71 2.65 25.53
CA ILE A 284 13.51 4.03 25.92
C ILE A 284 13.60 4.20 27.44
N ASN A 285 13.07 3.24 28.18
CA ASN A 285 13.10 3.33 29.62
C ASN A 285 14.50 3.35 30.18
N LYS A 286 15.45 2.79 29.43
CA LYS A 286 16.83 2.77 29.86
C LYS A 286 17.55 4.10 29.70
N LEU A 287 16.97 5.01 28.93
CA LEU A 287 17.62 6.29 28.67
C LEU A 287 17.70 7.12 29.95
N PRO A 288 18.67 8.05 30.03
CA PRO A 288 18.75 8.90 31.23
C PRO A 288 17.52 9.79 31.34
N PRO A 289 17.16 10.16 32.56
CA PRO A 289 15.90 10.90 32.77
C PRO A 289 15.74 12.16 31.95
N SER A 290 16.82 12.93 31.76
CA SER A 290 16.70 14.20 31.06
C SER A 290 16.37 13.99 29.59
N PHE A 291 17.03 13.02 28.96
CA PHE A 291 16.71 12.62 27.61
C PHE A 291 15.36 11.87 27.53
N ARG A 292 15.17 10.93 28.45
CA ARG A 292 13.99 10.07 28.44
C ARG A 292 12.68 10.82 28.55
N SER A 293 12.65 11.89 29.32
CA SER A 293 11.45 12.69 29.49
C SER A 293 10.95 13.37 28.20
N ARG A 294 11.84 13.62 27.25
CA ARG A 294 11.50 14.21 25.97
C ARG A 294 11.28 13.21 24.83
N VAL A 295 11.37 11.90 25.08
CA VAL A 295 11.33 10.91 24.01
C VAL A 295 9.91 10.33 23.94
N HIS A 296 9.40 10.23 22.72
CA HIS A 296 8.15 9.59 22.42
C HIS A 296 8.45 8.60 21.31
N ALA A 297 7.54 7.66 21.10
CA ALA A 297 7.74 6.68 20.03
C ALA A 297 6.44 6.44 19.28
N LEU A 298 6.54 6.31 17.95
CA LEU A 298 5.39 5.99 17.09
C LEU A 298 5.32 4.46 17.00
N LYS A 299 4.53 3.86 17.87
CA LYS A 299 4.47 2.41 17.96
C LYS A 299 3.36 1.70 17.19
N GLU A 300 2.60 2.43 16.39
CA GLU A 300 1.55 1.82 15.60
C GLU A 300 2.08 0.63 14.82
N GLY A 301 1.37 -0.51 14.90
CA GLY A 301 1.77 -1.70 14.19
C GLY A 301 2.80 -2.56 14.88
N PHE A 302 3.33 -2.13 16.03
CA PHE A 302 4.29 -2.94 16.81
C PHE A 302 3.65 -3.64 18.01
N PRO B 28 -11.65 -16.30 11.04
CA PRO B 28 -11.23 -16.02 9.66
C PRO B 28 -12.15 -16.62 8.58
N LEU B 29 -12.20 -15.94 7.43
CA LEU B 29 -13.09 -16.32 6.35
C LEU B 29 -12.58 -17.53 5.60
N THR B 30 -13.45 -18.52 5.40
CA THR B 30 -13.10 -19.75 4.70
C THR B 30 -14.19 -20.09 3.70
N VAL B 31 -13.78 -20.44 2.48
CA VAL B 31 -14.72 -20.73 1.41
C VAL B 31 -14.33 -22.04 0.75
N GLU B 32 -15.23 -23.02 0.76
CA GLU B 32 -15.00 -24.33 0.17
C GLU B 32 -13.63 -24.88 0.58
N GLY B 33 -13.30 -24.71 1.85
CA GLY B 33 -12.04 -25.17 2.39
C GLY B 33 -10.89 -24.18 2.29
N TYR B 34 -11.00 -23.12 1.48
CA TYR B 34 -9.90 -22.20 1.29
C TYR B 34 -10.00 -21.03 2.26
N PRO B 35 -9.01 -20.77 3.09
CA PRO B 35 -8.92 -19.48 3.75
C PRO B 35 -8.84 -18.37 2.71
N VAL B 36 -9.46 -17.23 3.02
CA VAL B 36 -9.43 -16.09 2.12
C VAL B 36 -9.14 -14.84 2.94
N GLU B 37 -8.16 -14.08 2.52
CA GLU B 37 -7.67 -12.90 3.23
C GLU B 37 -7.75 -11.72 2.29
N GLY B 38 -7.44 -10.54 2.83
CA GLY B 38 -7.35 -9.34 2.01
C GLY B 38 -8.57 -8.45 2.12
N ILE B 39 -8.82 -7.67 1.06
CA ILE B 39 -9.77 -6.57 1.15
C ILE B 39 -10.18 -6.17 -0.25
N SER B 40 -11.41 -5.72 -0.39
CA SER B 40 -11.86 -5.18 -1.67
C SER B 40 -12.95 -4.15 -1.37
N ILE B 41 -12.56 -2.89 -1.36
CA ILE B 41 -13.50 -1.79 -1.14
C ILE B 41 -13.54 -1.15 -2.51
N GLY B 42 -14.73 -0.89 -3.04
CA GLY B 42 -14.84 -0.46 -4.41
C GLY B 42 -14.08 0.78 -4.78
N GLY B 43 -14.14 1.84 -4.01
CA GLY B 43 -13.28 2.92 -4.43
C GLY B 43 -11.78 2.72 -4.21
N GLN B 44 -11.45 2.33 -2.98
CA GLN B 44 -10.09 2.27 -2.44
C GLN B 44 -8.98 1.29 -2.77
N GLU B 45 -9.26 0.00 -2.66
CA GLU B 45 -8.26 -1.02 -2.95
C GLU B 45 -8.87 -2.38 -3.03
N THR B 46 -8.28 -3.20 -3.89
CA THR B 46 -8.68 -4.59 -4.04
C THR B 46 -7.42 -5.47 -4.05
N CYS B 47 -7.39 -6.41 -3.12
CA CYS B 47 -6.36 -7.44 -3.05
C CYS B 47 -7.01 -8.65 -2.35
N VAL B 48 -7.32 -9.71 -3.09
CA VAL B 48 -7.99 -10.88 -2.52
C VAL B 48 -6.96 -12.01 -2.47
N ILE B 49 -6.73 -12.55 -1.27
CA ILE B 49 -5.58 -13.40 -0.98
C ILE B 49 -6.07 -14.81 -0.65
N PHE B 50 -5.49 -15.79 -1.36
CA PHE B 50 -5.70 -17.21 -1.08
C PHE B 50 -4.38 -17.77 -0.62
N PRO B 51 -4.06 -17.69 0.67
CA PRO B 51 -2.70 -18.03 1.12
C PRO B 51 -2.33 -19.48 0.92
N THR B 52 -3.29 -20.40 0.86
CA THR B 52 -2.95 -21.81 0.64
C THR B 52 -2.60 -22.10 -0.82
N LEU B 53 -2.83 -21.16 -1.74
CA LEU B 53 -2.39 -21.24 -3.13
C LEU B 53 -1.18 -20.32 -3.40
N SER B 54 -0.69 -19.65 -2.36
CA SER B 54 0.34 -18.62 -2.51
C SER B 54 -0.07 -17.61 -3.58
N ALA B 55 -1.33 -17.18 -3.55
CA ALA B 55 -1.92 -16.37 -4.61
C ALA B 55 -2.54 -15.10 -4.07
N ALA B 56 -2.33 -14.00 -4.80
CA ALA B 56 -3.02 -12.74 -4.55
C ALA B 56 -3.69 -12.32 -5.83
N PHE B 57 -4.99 -11.96 -5.77
CA PHE B 57 -5.74 -11.51 -6.94
C PHE B 57 -5.86 -10.00 -6.79
N ASP B 58 -5.01 -9.30 -7.55
CA ASP B 58 -4.81 -7.84 -7.56
C ASP B 58 -3.93 -7.47 -6.34
N ILE B 59 -3.36 -6.25 -6.27
CA ILE B 59 -2.43 -5.94 -5.19
C ILE B 59 -2.81 -4.80 -4.26
N GLY B 60 -3.91 -4.13 -4.56
CA GLY B 60 -4.40 -3.07 -3.66
C GLY B 60 -3.31 -2.08 -3.32
N ARG B 61 -3.14 -1.82 -2.05
CA ARG B 61 -2.11 -0.92 -1.55
C ARG B 61 -0.99 -1.77 -0.91
N CYS B 62 -0.86 -3.00 -1.40
CA CYS B 62 0.09 -3.95 -0.85
C CYS B 62 -0.09 -4.30 0.63
N PRO B 63 -1.24 -4.87 0.98
CA PRO B 63 -1.39 -5.34 2.37
C PRO B 63 -0.24 -6.28 2.71
N GLN B 64 0.21 -6.21 3.96
CA GLN B 64 1.40 -7.01 4.31
C GLN B 64 1.14 -8.50 4.12
N ARG B 65 -0.09 -8.96 4.33
CA ARG B 65 -0.41 -10.36 4.08
C ARG B 65 -0.18 -10.77 2.64
N ALA B 66 -0.21 -9.82 1.69
CA ALA B 66 0.03 -10.20 0.31
C ALA B 66 1.48 -10.51 0.03
N VAL B 67 2.40 -10.00 0.84
CA VAL B 67 3.81 -10.08 0.49
C VAL B 67 4.26 -11.52 0.45
N SER B 68 3.63 -12.39 1.24
CA SER B 68 4.08 -13.75 1.32
C SER B 68 3.50 -14.62 0.20
N GLN B 69 2.72 -14.06 -0.70
CA GLN B 69 2.20 -14.80 -1.85
C GLN B 69 3.18 -14.68 -3.02
N GLU B 70 3.50 -15.83 -3.66
CA GLU B 70 4.43 -15.85 -4.78
C GLU B 70 3.80 -15.52 -6.11
N PHE B 71 2.49 -15.68 -6.24
CA PHE B 71 1.79 -15.43 -7.49
C PHE B 71 0.80 -14.29 -7.33
N LEU B 72 0.90 -13.31 -8.23
CA LEU B 72 0.05 -12.13 -8.27
C LEU B 72 -0.63 -12.03 -9.63
N PHE B 73 -1.96 -11.96 -9.62
CA PHE B 73 -2.77 -11.89 -10.83
C PHE B 73 -3.40 -10.50 -10.90
N ILE B 74 -2.99 -9.72 -11.90
CA ILE B 74 -3.47 -8.36 -12.09
C ILE B 74 -4.59 -8.36 -13.12
N SER B 75 -5.78 -7.91 -12.70
CA SER B 75 -6.91 -7.86 -13.63
C SER B 75 -6.89 -6.60 -14.51
N HIS B 76 -6.44 -5.47 -13.98
CA HIS B 76 -6.41 -4.25 -14.79
C HIS B 76 -5.61 -3.20 -14.07
N ALA B 77 -5.42 -2.05 -14.73
CA ALA B 77 -4.40 -1.13 -14.30
C ALA B 77 -4.94 0.06 -13.51
N HIS B 78 -6.19 0.04 -13.06
CA HIS B 78 -6.64 1.07 -12.13
C HIS B 78 -5.82 0.99 -10.85
N LEU B 79 -5.55 2.16 -10.25
CA LEU B 79 -4.59 2.21 -9.15
C LEU B 79 -5.07 1.45 -7.93
N ASP B 80 -6.40 1.29 -7.76
CA ASP B 80 -6.84 0.55 -6.59
C ASP B 80 -6.62 -0.95 -6.75
N HIS B 81 -6.23 -1.38 -7.93
CA HIS B 81 -5.91 -2.79 -8.16
C HIS B 81 -4.44 -3.03 -8.37
N ILE B 82 -3.72 -2.07 -8.94
CA ILE B 82 -2.33 -2.27 -9.33
C ILE B 82 -1.35 -1.40 -8.56
N GLY B 83 -1.82 -0.45 -7.73
CA GLY B 83 -0.92 0.55 -7.18
C GLY B 83 0.16 0.00 -6.26
N GLY B 84 -0.14 -1.05 -5.51
CA GLY B 84 0.81 -1.69 -4.63
C GLY B 84 1.86 -2.55 -5.29
N LEU B 85 1.86 -2.65 -6.62
CA LEU B 85 2.73 -3.61 -7.30
C LEU B 85 4.21 -3.43 -7.01
N PRO B 86 4.79 -2.23 -7.15
CA PRO B 86 6.23 -2.09 -6.88
C PRO B 86 6.56 -2.42 -5.44
N MET B 87 5.69 -2.03 -4.48
CA MET B 87 5.97 -2.31 -3.08
C MET B 87 5.97 -3.81 -2.79
N TYR B 88 5.05 -4.54 -3.42
CA TYR B 88 4.99 -5.98 -3.28
C TYR B 88 6.29 -6.64 -3.72
N VAL B 89 6.79 -6.26 -4.88
CA VAL B 89 8.04 -6.81 -5.39
C VAL B 89 9.20 -6.40 -4.48
N ALA B 90 9.23 -5.11 -4.09
CA ALA B 90 10.32 -4.62 -3.28
C ALA B 90 10.37 -5.32 -1.93
N THR B 91 9.21 -5.51 -1.31
CA THR B 91 9.20 -6.15 0.01
C THR B 91 9.59 -7.62 -0.07
N ARG B 92 9.17 -8.33 -1.11
CA ARG B 92 9.60 -9.71 -1.23
C ARG B 92 11.13 -9.71 -1.39
N GLY B 93 11.68 -8.79 -2.17
CA GLY B 93 13.13 -8.69 -2.28
C GLY B 93 13.80 -8.44 -0.95
N LEU B 94 13.30 -7.48 -0.18
CA LEU B 94 13.91 -7.19 1.11
C LEU B 94 13.97 -8.43 1.99
N TYR B 95 12.90 -9.21 2.01
CA TYR B 95 12.80 -10.37 2.89
C TYR B 95 13.42 -11.63 2.28
N ARG B 96 14.22 -11.46 1.23
CA ARG B 96 14.87 -12.58 0.55
C ARG B 96 13.88 -13.68 0.16
N GLN B 97 12.69 -13.28 -0.29
CA GLN B 97 11.72 -14.23 -0.79
C GLN B 97 11.94 -14.44 -2.28
N ARG B 98 11.46 -15.54 -2.80
CA ARG B 98 11.65 -15.82 -4.20
C ARG B 98 10.94 -14.76 -5.03
N PRO B 99 11.61 -14.28 -6.07
CA PRO B 99 10.95 -13.30 -6.95
C PRO B 99 9.58 -13.77 -7.34
N PRO B 100 8.57 -12.90 -7.24
CA PRO B 100 7.20 -13.33 -7.53
C PRO B 100 7.00 -13.46 -9.03
N THR B 101 5.98 -14.22 -9.40
CA THR B 101 5.48 -14.29 -10.76
C THR B 101 4.17 -13.52 -10.86
N ILE B 102 4.12 -12.59 -11.80
CA ILE B 102 3.07 -11.56 -11.87
C ILE B 102 2.39 -11.67 -13.23
N PHE B 103 1.10 -11.95 -13.23
CA PHE B 103 0.34 -12.13 -14.45
C PHE B 103 -0.42 -10.86 -14.74
N ILE B 104 -0.37 -10.42 -16.00
CA ILE B 104 -1.00 -9.17 -16.40
C ILE B 104 -1.66 -9.36 -17.76
N PRO B 105 -2.64 -8.52 -18.07
CA PRO B 105 -3.06 -8.40 -19.49
C PRO B 105 -1.84 -8.10 -20.35
N ALA B 106 -1.79 -8.71 -21.55
CA ALA B 106 -0.62 -8.58 -22.40
C ALA B 106 -0.33 -7.12 -22.74
N CYS B 107 -1.37 -6.31 -22.88
CA CYS B 107 -1.20 -4.91 -23.25
C CYS B 107 -0.54 -4.06 -22.15
N LEU B 108 -0.49 -4.57 -20.93
CA LEU B 108 0.16 -3.83 -19.84
C LEU B 108 1.64 -4.14 -19.72
N ARG B 109 2.19 -5.01 -20.56
CA ARG B 109 3.60 -5.30 -20.39
C ARG B 109 4.47 -4.05 -20.57
N ASP B 110 4.16 -3.25 -21.56
CA ASP B 110 4.90 -2.02 -21.82
C ASP B 110 4.87 -1.10 -20.61
N PRO B 111 3.73 -0.68 -20.10
CA PRO B 111 3.77 0.26 -18.98
C PRO B 111 4.35 -0.35 -17.72
N VAL B 112 4.15 -1.65 -17.46
CA VAL B 112 4.66 -2.25 -16.24
C VAL B 112 6.18 -2.35 -16.29
N GLU B 113 6.75 -2.66 -17.46
CA GLU B 113 8.19 -2.58 -17.60
C GLU B 113 8.71 -1.16 -17.34
N ARG B 114 8.01 -0.17 -17.86
CA ARG B 114 8.42 1.21 -17.65
C ARG B 114 8.35 1.56 -16.15
N LEU B 115 7.30 1.08 -15.49
CA LEU B 115 7.12 1.39 -14.08
C LEU B 115 8.27 0.88 -13.24
N PHE B 116 8.65 -0.38 -13.44
CA PHE B 116 9.73 -0.95 -12.63
C PHE B 116 11.05 -0.28 -12.95
N GLU B 117 11.31 0.07 -14.23
CA GLU B 117 12.58 0.72 -14.54
C GLU B 117 12.65 2.12 -13.93
N LEU B 118 11.54 2.85 -13.91
CA LEU B 118 11.53 4.15 -13.27
C LEU B 118 11.91 4.03 -11.80
N HIS B 119 11.29 3.12 -11.08
CA HIS B 119 11.58 2.98 -9.66
C HIS B 119 13.03 2.54 -9.46
N ARG B 120 13.52 1.65 -10.32
CA ARG B 120 14.90 1.25 -10.21
C ARG B 120 15.82 2.47 -10.43
N SER B 121 15.46 3.36 -11.35
CA SER B 121 16.31 4.51 -11.65
C SER B 121 16.43 5.47 -10.48
N MET B 122 15.52 5.38 -9.51
CA MET B 122 15.48 6.23 -8.32
C MET B 122 16.09 5.55 -7.11
N ASP B 123 15.65 4.33 -6.82
CA ASP B 123 15.90 3.65 -5.56
C ASP B 123 17.01 2.61 -5.64
N GLN B 124 17.58 2.42 -6.83
CA GLN B 124 18.74 1.55 -7.07
C GLN B 124 18.54 0.12 -6.63
N SER B 125 17.30 -0.33 -6.46
CA SER B 125 17.00 -1.70 -6.08
C SER B 125 16.76 -2.59 -7.31
N GLU B 126 16.81 -3.90 -7.08
CA GLU B 126 16.71 -4.86 -8.18
C GLU B 126 15.28 -5.07 -8.64
N LEU B 127 14.32 -5.06 -7.71
CA LEU B 127 12.89 -5.29 -8.02
C LEU B 127 12.71 -6.52 -8.91
N SER B 128 13.31 -7.63 -8.48
CA SER B 128 13.28 -8.83 -9.28
C SER B 128 11.91 -9.49 -9.27
N HIS B 129 11.45 -9.91 -10.45
CA HIS B 129 10.14 -10.51 -10.59
C HIS B 129 10.10 -11.18 -11.95
N ASN B 130 9.13 -12.06 -12.15
CA ASN B 130 8.89 -12.68 -13.45
C ASN B 130 7.58 -12.12 -13.95
N LEU B 131 7.59 -11.34 -15.02
CA LEU B 131 6.37 -10.74 -15.55
C LEU B 131 5.82 -11.60 -16.69
N VAL B 132 4.60 -12.06 -16.55
CA VAL B 132 4.02 -13.00 -17.50
C VAL B 132 2.79 -12.37 -18.13
N PRO B 133 2.93 -11.77 -19.33
CA PRO B 133 1.74 -11.30 -20.03
C PRO B 133 0.92 -12.47 -20.52
N LEU B 134 -0.39 -12.35 -20.38
CA LEU B 134 -1.35 -13.34 -20.85
C LEU B 134 -2.40 -12.62 -21.67
N GLU B 135 -2.67 -13.16 -22.85
CA GLU B 135 -3.78 -12.71 -23.66
C GLU B 135 -5.00 -13.52 -23.21
N ILE B 136 -6.19 -13.07 -23.54
CA ILE B 136 -7.39 -13.80 -23.12
C ILE B 136 -7.34 -15.20 -23.75
N GLY B 137 -7.58 -16.23 -22.96
CA GLY B 137 -7.54 -17.60 -23.42
C GLY B 137 -6.19 -18.27 -23.31
N GLN B 138 -5.14 -17.53 -22.99
CA GLN B 138 -3.81 -18.11 -22.86
C GLN B 138 -3.61 -18.67 -21.46
N GLU B 139 -2.77 -19.69 -21.36
CA GLU B 139 -2.55 -20.44 -20.13
C GLU B 139 -1.08 -20.37 -19.73
N HIS B 140 -0.82 -20.64 -18.44
CA HIS B 140 0.53 -20.71 -17.92
C HIS B 140 0.57 -21.62 -16.72
N GLU B 141 1.66 -22.37 -16.55
CA GLU B 141 1.76 -23.30 -15.43
C GLU B 141 2.33 -22.60 -14.20
N LEU B 142 1.63 -22.69 -13.09
CA LEU B 142 2.12 -22.23 -11.80
C LEU B 142 2.97 -23.29 -11.12
N ARG B 143 2.53 -24.54 -11.21
CA ARG B 143 3.23 -25.65 -10.58
C ARG B 143 2.83 -26.91 -11.34
N ARG B 144 3.40 -28.05 -10.93
CA ARG B 144 3.07 -29.29 -11.60
C ARG B 144 1.57 -29.57 -11.55
N ASP B 145 0.90 -29.15 -10.48
CA ASP B 145 -0.51 -29.42 -10.29
C ASP B 145 -1.39 -28.17 -10.36
N LEU B 146 -0.91 -27.07 -10.95
CA LEU B 146 -1.67 -25.82 -10.90
C LEU B 146 -1.38 -24.98 -12.12
N LYS B 147 -2.42 -24.49 -12.77
CA LYS B 147 -2.24 -23.64 -13.92
C LYS B 147 -3.30 -22.55 -13.95
N VAL B 148 -3.06 -21.54 -14.78
CA VAL B 148 -3.96 -20.40 -14.88
C VAL B 148 -4.27 -20.12 -16.33
N LYS B 149 -5.47 -19.61 -16.53
CA LYS B 149 -5.99 -19.23 -17.83
C LYS B 149 -6.71 -17.89 -17.71
N ALA B 150 -6.42 -16.96 -18.60
CA ALA B 150 -7.06 -15.65 -18.59
C ALA B 150 -8.38 -15.72 -19.33
N PHE B 151 -9.34 -14.92 -18.89
CA PHE B 151 -10.65 -14.87 -19.54
C PHE B 151 -11.16 -13.45 -19.66
N LYS B 152 -12.01 -13.25 -20.65
CA LYS B 152 -12.49 -11.92 -20.91
C LYS B 152 -13.48 -11.38 -19.91
N THR B 153 -13.19 -10.17 -19.45
CA THR B 153 -14.10 -9.41 -18.61
C THR B 153 -14.39 -8.08 -19.31
N TYR B 154 -15.45 -7.41 -18.87
CA TYR B 154 -16.03 -6.27 -19.57
C TYR B 154 -15.95 -5.03 -18.68
N HIS B 155 -14.95 -4.17 -18.93
CA HIS B 155 -14.67 -3.08 -18.00
C HIS B 155 -14.20 -1.84 -18.74
N ALA B 156 -14.17 -0.72 -18.00
CA ALA B 156 -13.93 0.59 -18.60
C ALA B 156 -12.56 0.72 -19.24
N ILE B 157 -11.57 -0.06 -18.78
CA ILE B 157 -10.23 -0.06 -19.38
C ILE B 157 -9.89 -1.52 -19.65
N PRO B 158 -8.77 -1.82 -20.31
CA PRO B 158 -8.42 -3.22 -20.58
C PRO B 158 -8.35 -4.03 -19.30
N SER B 159 -8.85 -5.26 -19.37
CA SER B 159 -9.01 -6.06 -18.16
C SER B 159 -9.18 -7.52 -18.54
N GLN B 160 -8.86 -8.39 -17.59
CA GLN B 160 -9.18 -9.80 -17.77
C GLN B 160 -9.29 -10.41 -16.39
N GLY B 161 -10.06 -11.50 -16.30
CA GLY B 161 -10.06 -12.35 -15.13
C GLY B 161 -9.13 -13.54 -15.30
N TYR B 162 -9.08 -14.36 -14.26
CA TYR B 162 -8.21 -15.53 -14.22
C TYR B 162 -8.97 -16.71 -13.64
N VAL B 163 -8.76 -17.87 -14.25
CA VAL B 163 -9.21 -19.14 -13.67
C VAL B 163 -7.96 -19.94 -13.32
N ILE B 164 -7.85 -20.30 -12.06
CA ILE B 164 -6.84 -21.24 -11.60
C ILE B 164 -7.42 -22.64 -11.66
N TYR B 165 -6.70 -23.55 -12.31
CA TYR B 165 -7.10 -24.94 -12.43
C TYR B 165 -6.18 -25.81 -11.61
N THR B 166 -6.75 -26.74 -10.85
CA THR B 166 -5.95 -27.82 -10.30
C THR B 166 -5.75 -28.90 -11.38
N VAL B 167 -4.59 -29.55 -11.35
CA VAL B 167 -4.24 -30.59 -12.32
C VAL B 167 -3.68 -31.72 -11.47
N LYS B 168 -4.51 -32.71 -11.19
CA LYS B 168 -4.13 -33.77 -10.29
C LYS B 168 -4.28 -35.17 -10.83
N GLN B 169 -3.43 -36.05 -10.35
CA GLN B 169 -3.53 -37.46 -10.73
C GLN B 169 -4.56 -38.15 -9.83
N LYS B 170 -5.48 -38.86 -10.44
CA LYS B 170 -6.52 -39.56 -9.74
C LYS B 170 -6.53 -41.01 -10.15
N LEU B 171 -6.74 -41.90 -9.20
CA LEU B 171 -6.79 -43.31 -9.57
C LEU B 171 -7.86 -43.56 -10.63
N LYS B 172 -7.51 -44.37 -11.60
CA LYS B 172 -8.49 -44.83 -12.57
C LYS B 172 -9.59 -45.61 -11.86
N PRO B 173 -10.80 -45.62 -12.40
CA PRO B 173 -11.92 -46.27 -11.69
C PRO B 173 -11.62 -47.70 -11.28
N GLU B 174 -10.91 -48.47 -12.11
CA GLU B 174 -10.71 -49.89 -11.84
C GLU B 174 -9.79 -50.14 -10.66
N TYR B 175 -9.02 -49.14 -10.23
CA TYR B 175 -8.09 -49.31 -9.13
C TYR B 175 -8.54 -48.58 -7.86
N LEU B 176 -9.73 -47.98 -7.86
CA LEU B 176 -10.07 -47.03 -6.82
C LEU B 176 -10.11 -47.67 -5.44
N GLY B 177 -10.79 -48.81 -5.30
CA GLY B 177 -10.90 -49.43 -3.99
C GLY B 177 -9.90 -50.54 -3.75
N LEU B 178 -8.63 -50.20 -3.58
CA LEU B 178 -7.58 -51.20 -3.56
C LEU B 178 -6.51 -50.94 -2.51
N PRO B 179 -6.06 -51.98 -1.81
CA PRO B 179 -5.07 -51.76 -0.74
C PRO B 179 -3.81 -51.12 -1.27
N GLY B 180 -3.18 -50.29 -0.42
CA GLY B 180 -1.98 -49.60 -0.82
C GLY B 180 -0.87 -50.54 -1.25
N SER B 181 -0.69 -51.64 -0.53
CA SER B 181 0.29 -52.65 -0.92
C SER B 181 0.06 -53.06 -2.37
N GLU B 182 -1.20 -53.32 -2.73
CA GLU B 182 -1.53 -53.64 -4.12
C GLU B 182 -1.18 -52.49 -5.06
N ILE B 183 -1.58 -51.26 -4.70
CA ILE B 183 -1.23 -50.10 -5.54
C ILE B 183 0.27 -50.02 -5.73
N LYS B 184 1.03 -50.29 -4.68
CA LYS B 184 2.48 -50.20 -4.73
C LYS B 184 3.13 -51.15 -5.72
N GLN B 185 2.63 -52.39 -5.78
CA GLN B 185 3.20 -53.34 -6.73
C GLN B 185 2.84 -52.96 -8.16
N LEU B 186 1.60 -52.49 -8.38
CA LEU B 186 1.25 -51.95 -9.69
C LEU B 186 2.22 -50.86 -10.11
N LYS B 187 2.66 -50.04 -9.17
CA LYS B 187 3.62 -48.99 -9.46
C LYS B 187 4.98 -49.57 -9.89
N LEU B 188 5.43 -50.63 -9.23
CA LEU B 188 6.70 -51.25 -9.58
C LEU B 188 6.65 -51.85 -10.98
N SER B 189 5.66 -52.71 -11.22
CA SER B 189 5.43 -53.26 -12.56
C SER B 189 5.40 -52.17 -13.61
N GLY B 190 4.97 -50.97 -13.24
CA GLY B 190 4.91 -49.85 -14.16
C GLY B 190 3.55 -49.59 -14.76
N VAL B 191 2.49 -50.16 -14.21
CA VAL B 191 1.14 -49.91 -14.70
C VAL B 191 0.81 -48.43 -14.55
N GLU B 192 0.19 -47.86 -15.59
CA GLU B 192 -0.41 -46.54 -15.49
C GLU B 192 -1.67 -46.66 -14.64
N ILE B 193 -1.67 -46.08 -13.44
CA ILE B 193 -2.79 -46.29 -12.53
C ILE B 193 -3.60 -45.03 -12.30
N THR B 194 -3.20 -43.88 -12.86
CA THR B 194 -3.92 -42.64 -12.62
C THR B 194 -4.31 -41.98 -13.94
N ASN B 195 -5.31 -41.12 -13.83
CA ASN B 195 -5.75 -40.27 -14.90
C ASN B 195 -5.50 -38.83 -14.44
N THR B 196 -5.14 -37.94 -15.36
CA THR B 196 -4.98 -36.53 -15.04
C THR B 196 -6.35 -35.88 -15.06
N LEU B 197 -6.73 -35.26 -13.95
CA LEU B 197 -8.01 -34.57 -13.81
C LEU B 197 -7.75 -33.07 -13.68
N THR B 198 -8.36 -32.29 -14.57
CA THR B 198 -8.20 -30.83 -14.58
C THR B 198 -9.52 -30.20 -14.17
N VAL B 199 -9.49 -29.38 -13.14
CA VAL B 199 -10.73 -28.85 -12.55
C VAL B 199 -10.62 -27.34 -12.36
N PRO B 200 -11.60 -26.54 -12.82
CA PRO B 200 -11.55 -25.10 -12.52
C PRO B 200 -11.82 -24.84 -11.05
N GLU B 201 -10.82 -24.34 -10.33
CA GLU B 201 -10.86 -24.25 -8.88
C GLU B 201 -11.27 -22.86 -8.38
N ILE B 202 -10.56 -21.82 -8.83
CA ILE B 202 -10.87 -20.45 -8.44
C ILE B 202 -10.94 -19.61 -9.69
N ALA B 203 -12.01 -18.83 -9.82
CA ALA B 203 -12.18 -17.88 -10.92
C ALA B 203 -12.35 -16.49 -10.32
N PHE B 204 -11.53 -15.55 -10.78
CA PHE B 204 -11.52 -14.19 -10.24
C PHE B 204 -11.79 -13.21 -11.37
N THR B 205 -12.85 -12.40 -11.23
CA THR B 205 -13.21 -11.49 -12.32
C THR B 205 -12.45 -10.17 -12.27
N GLY B 206 -12.10 -9.67 -11.08
CA GLY B 206 -11.70 -8.27 -10.96
C GLY B 206 -12.92 -7.41 -11.28
N ASP B 207 -12.69 -6.19 -11.74
CA ASP B 207 -13.81 -5.33 -12.10
C ASP B 207 -14.38 -5.77 -13.45
N THR B 208 -15.71 -5.83 -13.53
CA THR B 208 -16.34 -6.28 -14.76
C THR B 208 -17.83 -6.01 -14.67
N MET B 209 -18.45 -5.91 -15.86
CA MET B 209 -19.88 -6.00 -16.00
C MET B 209 -20.32 -7.47 -15.96
N ALA B 210 -21.63 -7.65 -15.77
CA ALA B 210 -22.20 -8.99 -15.61
C ALA B 210 -22.16 -9.79 -16.90
N ASP B 211 -21.84 -9.14 -18.02
CA ASP B 211 -21.86 -9.80 -19.32
C ASP B 211 -20.79 -10.89 -19.43
N PHE B 212 -19.74 -10.86 -18.59
CA PHE B 212 -18.78 -11.95 -18.62
C PHE B 212 -19.49 -13.30 -18.48
N ILE B 213 -20.62 -13.33 -17.77
CA ILE B 213 -21.37 -14.56 -17.58
C ILE B 213 -21.92 -15.08 -18.91
N LEU B 214 -22.25 -14.19 -19.83
CA LEU B 214 -22.88 -14.58 -21.08
C LEU B 214 -21.88 -14.85 -22.19
N ASP B 215 -20.60 -14.58 -21.97
CA ASP B 215 -19.59 -14.84 -22.99
C ASP B 215 -19.37 -16.34 -23.11
N PRO B 216 -19.56 -16.94 -24.28
CA PRO B 216 -19.48 -18.41 -24.37
C PRO B 216 -18.08 -18.98 -24.12
N ASP B 217 -17.03 -18.16 -24.21
CA ASP B 217 -15.69 -18.60 -23.84
C ASP B 217 -15.54 -18.83 -22.33
N ASN B 218 -16.47 -18.37 -21.53
CA ASN B 218 -16.33 -18.40 -20.08
C ASN B 218 -17.02 -19.54 -19.34
N ALA B 219 -17.34 -20.60 -20.03
CA ALA B 219 -18.03 -21.72 -19.40
C ALA B 219 -17.32 -22.18 -18.12
N ASP B 220 -15.99 -22.23 -18.14
CA ASP B 220 -15.27 -22.74 -16.97
C ASP B 220 -15.37 -21.76 -15.80
N VAL B 221 -15.52 -20.46 -16.08
CA VAL B 221 -15.78 -19.48 -15.02
C VAL B 221 -17.01 -19.88 -14.22
N LEU B 222 -18.06 -20.35 -14.90
CA LEU B 222 -19.32 -20.65 -14.23
C LEU B 222 -19.32 -22.01 -13.54
N LYS B 223 -18.31 -22.83 -13.76
CA LYS B 223 -18.20 -24.11 -13.08
C LYS B 223 -17.10 -24.13 -12.02
N ALA B 224 -16.33 -23.05 -11.88
CA ALA B 224 -15.22 -23.05 -10.94
C ALA B 224 -15.74 -23.30 -9.53
N LYS B 225 -14.95 -23.99 -8.72
CA LYS B 225 -15.40 -24.32 -7.39
C LYS B 225 -15.76 -23.04 -6.64
N ILE B 226 -14.93 -22.02 -6.80
CA ILE B 226 -15.17 -20.70 -6.20
C ILE B 226 -15.13 -19.63 -7.28
N LEU B 227 -16.18 -18.82 -7.35
CA LEU B 227 -16.23 -17.65 -8.23
C LEU B 227 -16.07 -16.41 -7.36
N VAL B 228 -15.04 -15.63 -7.62
CA VAL B 228 -14.83 -14.36 -6.93
C VAL B 228 -15.21 -13.28 -7.91
N VAL B 229 -16.35 -12.65 -7.68
CA VAL B 229 -16.91 -11.69 -8.60
C VAL B 229 -17.31 -10.41 -7.90
N GLU B 230 -17.12 -9.27 -8.55
CA GLU B 230 -17.51 -8.01 -7.97
C GLU B 230 -19.03 -7.77 -8.01
N SER B 231 -19.58 -7.17 -6.97
CA SER B 231 -20.96 -6.76 -6.94
C SER B 231 -20.84 -5.40 -6.28
N THR B 232 -20.38 -4.42 -7.05
CA THR B 232 -20.12 -3.10 -6.50
C THR B 232 -21.37 -2.52 -5.88
N PHE B 233 -22.53 -2.85 -6.41
CA PHE B 233 -23.81 -2.32 -5.92
C PHE B 233 -24.72 -3.51 -5.62
N VAL B 234 -25.46 -3.41 -4.51
CA VAL B 234 -26.17 -4.56 -3.98
C VAL B 234 -27.64 -4.27 -3.67
N ASP B 235 -28.05 -3.01 -3.69
CA ASP B 235 -29.45 -2.69 -3.42
C ASP B 235 -29.88 -1.57 -4.36
N ASP B 236 -31.08 -1.03 -4.14
CA ASP B 236 -31.62 -0.06 -5.07
C ASP B 236 -31.07 1.35 -4.85
N SER B 237 -30.23 1.58 -3.85
CA SER B 237 -29.66 2.92 -3.71
C SER B 237 -28.92 3.33 -4.99
N VAL B 238 -28.53 2.35 -5.81
CA VAL B 238 -27.88 2.59 -7.09
C VAL B 238 -28.57 1.71 -8.12
N THR B 239 -28.71 2.23 -9.34
CA THR B 239 -29.41 1.52 -10.40
C THR B 239 -28.45 0.65 -11.19
N ILE B 240 -29.02 -0.37 -11.84
CA ILE B 240 -28.20 -1.29 -12.63
C ILE B 240 -27.44 -0.53 -13.70
N GLU B 241 -28.14 0.29 -14.49
CA GLU B 241 -27.49 0.97 -15.60
C GLU B 241 -26.42 1.93 -15.12
N HIS B 242 -26.54 2.41 -13.88
CA HIS B 242 -25.45 3.19 -13.30
C HIS B 242 -24.25 2.30 -12.98
N ALA B 243 -24.51 1.11 -12.45
CA ALA B 243 -23.43 0.14 -12.24
C ALA B 243 -22.70 -0.13 -13.56
N ARG B 244 -23.47 -0.36 -14.60
CA ARG B 244 -22.91 -0.61 -15.90
C ARG B 244 -22.22 0.60 -16.49
N GLU B 245 -22.56 1.78 -15.98
CA GLU B 245 -21.95 2.99 -16.53
C GLU B 245 -20.45 2.99 -16.33
N TYR B 246 -19.97 2.52 -15.19
CA TYR B 246 -18.54 2.54 -14.89
C TYR B 246 -17.91 1.14 -14.99
N GLY B 247 -18.55 0.23 -15.70
CA GLY B 247 -17.97 -1.07 -15.96
C GLY B 247 -18.05 -2.00 -14.77
N HIS B 248 -19.13 -1.92 -14.00
CA HIS B 248 -19.31 -2.69 -12.79
C HIS B 248 -20.57 -3.55 -12.90
N THR B 249 -20.75 -4.41 -11.90
CA THR B 249 -21.84 -5.35 -11.82
C THR B 249 -22.74 -5.02 -10.64
N HIS B 250 -24.04 -5.11 -10.85
CA HIS B 250 -25.03 -4.96 -9.79
C HIS B 250 -25.46 -6.35 -9.31
N LEU B 251 -25.63 -6.49 -7.99
CA LEU B 251 -26.06 -7.77 -7.43
C LEU B 251 -27.34 -8.28 -8.11
N PHE B 252 -28.23 -7.36 -8.49
CA PHE B 252 -29.46 -7.80 -9.16
C PHE B 252 -29.16 -8.55 -10.44
N GLU B 253 -28.07 -8.20 -11.13
CA GLU B 253 -27.74 -8.87 -12.39
C GLU B 253 -27.20 -10.26 -12.12
N ILE B 254 -26.40 -10.42 -11.07
CA ILE B 254 -25.94 -11.76 -10.68
C ILE B 254 -27.14 -12.64 -10.39
N LEU B 255 -28.12 -12.11 -9.68
CA LEU B 255 -29.33 -12.88 -9.36
C LEU B 255 -30.04 -13.32 -10.63
N ASN B 256 -30.21 -12.41 -11.57
CA ASN B 256 -30.94 -12.69 -12.78
C ASN B 256 -30.31 -13.85 -13.54
N GLN B 257 -29.01 -13.99 -13.39
CA GLN B 257 -28.26 -15.02 -14.08
C GLN B 257 -27.87 -16.18 -13.16
N CYS B 258 -28.38 -16.21 -11.96
CA CYS B 258 -27.91 -17.20 -11.02
C CYS B 258 -28.09 -18.61 -11.49
N ASP B 259 -29.13 -18.88 -12.25
CA ASP B 259 -29.36 -20.23 -12.76
C ASP B 259 -28.20 -20.74 -13.60
N LYS B 260 -27.40 -19.86 -14.19
CA LYS B 260 -26.26 -20.28 -14.99
C LYS B 260 -24.96 -20.35 -14.20
N LEU B 261 -24.99 -20.07 -12.89
CA LEU B 261 -23.80 -20.09 -12.03
C LEU B 261 -23.74 -21.42 -11.29
N GLU B 262 -22.89 -22.32 -11.78
CA GLU B 262 -22.77 -23.67 -11.22
C GLU B 262 -21.70 -23.77 -10.15
N ASN B 263 -21.19 -22.65 -9.68
CA ASN B 263 -20.15 -22.65 -8.69
C ASN B 263 -20.58 -23.16 -7.33
N LYS B 264 -19.70 -23.89 -6.68
CA LYS B 264 -19.96 -24.39 -5.34
C LYS B 264 -20.12 -23.19 -4.40
N ALA B 265 -19.35 -22.13 -4.65
CA ALA B 265 -19.33 -20.95 -3.79
C ALA B 265 -19.17 -19.70 -4.65
N ILE B 266 -19.84 -18.62 -4.25
CA ILE B 266 -19.69 -17.32 -4.88
C ILE B 266 -19.22 -16.35 -3.82
N LEU B 267 -18.00 -15.81 -3.98
CA LEU B 267 -17.46 -14.81 -3.07
C LEU B 267 -17.66 -13.42 -3.69
N LEU B 268 -18.55 -12.63 -3.10
CA LEU B 268 -18.86 -11.29 -3.59
C LEU B 268 -17.84 -10.31 -3.04
N ILE B 269 -17.31 -9.44 -3.91
CA ILE B 269 -16.27 -8.50 -3.52
C ILE B 269 -16.58 -7.12 -4.10
N HIS B 270 -15.79 -6.15 -3.64
CA HIS B 270 -15.67 -4.83 -4.29
C HIS B 270 -16.94 -4.00 -4.11
N PHE B 271 -17.56 -4.13 -2.93
CA PHE B 271 -18.75 -3.33 -2.64
C PHE B 271 -18.38 -1.85 -2.60
N SER B 272 -19.29 -1.00 -3.05
CA SER B 272 -19.04 0.43 -2.95
C SER B 272 -18.75 0.85 -1.51
N ALA B 273 -17.81 1.79 -1.35
CA ALA B 273 -17.51 2.30 0.00
C ALA B 273 -18.75 2.91 0.65
N ARG B 274 -19.79 3.19 -0.09
CA ARG B 274 -20.95 3.80 0.55
C ARG B 274 -21.70 2.85 1.46
N TYR B 275 -21.41 1.57 1.37
CA TYR B 275 -22.19 0.59 2.10
C TYR B 275 -21.56 0.27 3.45
N THR B 276 -22.44 -0.01 4.42
CA THR B 276 -22.04 -0.61 5.67
C THR B 276 -22.10 -2.13 5.55
N ALA B 277 -21.42 -2.82 6.46
CA ALA B 277 -21.44 -4.29 6.43
C ALA B 277 -22.85 -4.80 6.58
N GLU B 278 -23.65 -4.16 7.43
CA GLU B 278 -24.99 -4.66 7.69
C GLU B 278 -25.87 -4.50 6.45
N GLU B 279 -25.69 -3.41 5.70
CA GLU B 279 -26.37 -3.30 4.42
C GLU B 279 -25.98 -4.44 3.48
N ILE B 280 -24.69 -4.80 3.44
CA ILE B 280 -24.27 -5.90 2.58
C ILE B 280 -24.99 -7.19 2.98
N ASP B 281 -24.99 -7.51 4.27
CA ASP B 281 -25.65 -8.70 4.75
C ASP B 281 -27.13 -8.69 4.39
N ILE B 282 -27.80 -7.56 4.63
CA ILE B 282 -29.21 -7.45 4.26
C ILE B 282 -29.40 -7.79 2.79
N ALA B 283 -28.59 -7.19 1.93
CA ALA B 283 -28.74 -7.43 0.50
C ALA B 283 -28.56 -8.91 0.17
N ILE B 284 -27.59 -9.56 0.81
CA ILE B 284 -27.33 -10.97 0.55
C ILE B 284 -28.47 -11.82 1.10
N ASN B 285 -28.96 -11.46 2.26
CA ASN B 285 -30.02 -12.21 2.90
C ASN B 285 -31.28 -12.24 2.04
N LYS B 286 -31.51 -11.17 1.30
CA LYS B 286 -32.70 -11.07 0.47
C LYS B 286 -32.65 -12.01 -0.71
N LEU B 287 -31.52 -12.67 -0.93
CA LEU B 287 -31.41 -13.56 -2.07
C LEU B 287 -32.25 -14.83 -1.83
N PRO B 288 -32.70 -15.48 -2.90
CA PRO B 288 -33.43 -16.77 -2.75
C PRO B 288 -32.56 -17.79 -2.03
N PRO B 289 -33.14 -18.58 -1.13
CA PRO B 289 -32.29 -19.35 -0.20
C PRO B 289 -31.33 -20.33 -0.86
N SER B 290 -31.74 -21.04 -1.90
CA SER B 290 -30.85 -22.03 -2.48
C SER B 290 -29.60 -21.37 -3.05
N PHE B 291 -29.77 -20.23 -3.71
CA PHE B 291 -28.63 -19.48 -4.23
C PHE B 291 -27.86 -18.80 -3.10
N ARG B 292 -28.58 -18.28 -2.14
CA ARG B 292 -27.97 -17.57 -1.04
C ARG B 292 -27.04 -18.45 -0.25
N SER B 293 -27.38 -19.73 -0.10
CA SER B 293 -26.56 -20.64 0.70
C SER B 293 -25.14 -20.74 0.15
N ARG B 294 -24.96 -20.46 -1.13
CA ARG B 294 -23.65 -20.55 -1.77
C ARG B 294 -22.89 -19.21 -1.81
N VAL B 295 -23.45 -18.18 -1.21
CA VAL B 295 -22.93 -16.82 -1.36
C VAL B 295 -22.17 -16.41 -0.12
N HIS B 296 -20.97 -15.86 -0.32
CA HIS B 296 -20.13 -15.32 0.74
C HIS B 296 -19.74 -13.89 0.35
N ALA B 297 -19.31 -13.13 1.34
CA ALA B 297 -18.92 -11.73 1.16
C ALA B 297 -17.58 -11.47 1.83
N LEU B 298 -16.72 -10.71 1.15
CA LEU B 298 -15.45 -10.26 1.72
C LEU B 298 -15.69 -8.87 2.31
N LYS B 299 -15.99 -8.83 3.60
CA LYS B 299 -16.33 -7.60 4.29
C LYS B 299 -15.23 -6.89 5.06
N GLU B 300 -14.02 -7.42 5.02
CA GLU B 300 -12.90 -6.76 5.67
C GLU B 300 -12.90 -5.28 5.37
N GLY B 301 -12.83 -4.45 6.41
CA GLY B 301 -12.76 -3.01 6.25
C GLY B 301 -14.08 -2.29 6.07
N PHE B 302 -15.20 -3.00 6.02
CA PHE B 302 -16.52 -2.37 5.97
C PHE B 302 -17.10 -2.29 7.39
C1 EDO C . 17.93 23.07 8.81
O1 EDO C . 18.73 23.76 9.78
C2 EDO C . 17.32 24.08 7.84
O2 EDO C . 18.37 24.93 7.33
ZN ZN D . 15.53 4.25 2.94
ZN ZN E . 12.77 3.14 5.31
C1 EDO F . -12.80 -19.54 -18.84
O1 EDO F . -13.88 -20.40 -19.21
C2 EDO F . -11.51 -20.11 -19.42
O2 EDO F . -11.51 -19.90 -20.84
ZN ZN G . -11.52 -0.57 -12.15
ZN ZN H . -12.05 -1.06 -8.68
#